data_6RCQ
#
_entry.id   6RCQ
#
_cell.length_a   47.858
_cell.length_b   86.375
_cell.length_c   127.409
_cell.angle_alpha   90.00
_cell.angle_beta   90.00
_cell.angle_gamma   90.00
#
_symmetry.space_group_name_H-M   'P 21 21 21'
#
loop_
_entity.id
_entity.type
_entity.pdbx_description
1 polymer 'R5.011 heavy chain'
2 polymer 'R5.011 light chain'
3 non-polymer 'ACETATE ION'
4 non-polymer 'CACODYLATE ION'
5 water water
#
loop_
_entity_poly.entity_id
_entity_poly.type
_entity_poly.pdbx_seq_one_letter_code
_entity_poly.pdbx_strand_id
1 'polypeptide(L)'
;VHSEVQLVQSGSDLKKPGASVKVSCKASGYTFTSYAMNWVRQAPGQGLEWVGWINTNTGNPTYAQGFTGRFVFSLDTSVS
TAYLQISSLKAEDTAVYYCARESPNYYDSSGYYSGYYFDYWGQGTLVTVSSASTKGPSVFPLAPSSKSTSGGTAALGCLV
KDYFPEPVTVSWNSGALTSGVHTFPAVLQSSGLYSLSSVVTVPSSSLGTQTYICNVNHKPSNTKVDKKVEPKSCDKTHTC
;
A
2 'polypeptide(L)'
;SVTSYELTQPPSVSVAPGQTATITCGGKNIGSKSVHWYQQKPGQAPVLVVYDDSDRPSGIPERFSGSNSGNTATLTISRV
EAGDEADYYCQVWDSSSDHRVFGGGTKLTVLGQPKAAPSVTLFPPSSEELQANKATLVCLISDFYPGAVTVAWKADSSPV
KAGVETTTPSKQSNNKYAASSYLSLTPEQWKSHRSYSCQVTHEGSTVEKTVAPTECS
;
B
#
loop_
_chem_comp.id
_chem_comp.type
_chem_comp.name
_chem_comp.formula
ACT non-polymer 'ACETATE ION' 'C2 H3 O2 -1'
CAC non-polymer 'CACODYLATE ION' 'C2 H6 As O2 -1'
#
# COMPACT_ATOMS: atom_id res chain seq x y z
N GLU A 4 -2.65 12.81 -27.68
CA GLU A 4 -2.39 12.82 -26.24
C GLU A 4 -3.42 11.93 -25.48
N VAL A 5 -3.07 10.67 -25.30
CA VAL A 5 -3.92 9.67 -24.71
C VAL A 5 -4.11 9.89 -23.19
N GLN A 6 -5.38 9.87 -22.75
CA GLN A 6 -5.78 10.03 -21.36
C GLN A 6 -6.88 9.05 -21.04
N LEU A 7 -6.76 8.37 -19.90
CA LEU A 7 -7.73 7.42 -19.33
C LEU A 7 -7.99 7.93 -17.92
N VAL A 8 -9.24 8.34 -17.65
CA VAL A 8 -9.65 8.99 -16.41
C VAL A 8 -10.75 8.20 -15.74
N GLN A 9 -10.50 7.82 -14.50
CA GLN A 9 -11.35 6.99 -13.70
C GLN A 9 -12.18 7.74 -12.71
N SER A 10 -13.33 7.13 -12.31
CA SER A 10 -14.25 7.67 -11.30
C SER A 10 -13.58 7.56 -9.92
N GLY A 11 -14.09 8.28 -8.93
CA GLY A 11 -13.48 8.38 -7.61
C GLY A 11 -13.63 7.16 -6.73
N SER A 12 -12.93 7.21 -5.58
CA SER A 12 -12.95 6.17 -4.54
C SER A 12 -14.38 5.86 -4.18
N ASP A 13 -14.65 4.62 -3.86
CA ASP A 13 -15.98 4.17 -3.47
C ASP A 13 -15.90 3.25 -2.26
N LEU A 14 -16.81 3.45 -1.33
CA LEU A 14 -16.90 2.67 -0.10
C LEU A 14 -18.21 1.89 -0.15
N LYS A 15 -18.11 0.55 -0.09
CA LYS A 15 -19.31 -0.28 -0.16
C LYS A 15 -19.39 -1.31 0.94
N LYS A 16 -20.60 -1.70 1.31
CA LYS A 16 -20.76 -2.73 2.33
C LYS A 16 -20.68 -4.12 1.70
N PRO A 17 -20.25 -5.17 2.45
CA PRO A 17 -20.28 -6.54 1.88
C PRO A 17 -21.67 -6.89 1.34
N GLY A 18 -21.69 -7.54 0.19
CA GLY A 18 -22.90 -7.97 -0.51
C GLY A 18 -23.41 -6.99 -1.55
N ALA A 19 -23.00 -5.71 -1.46
CA ALA A 19 -23.44 -4.66 -2.40
C ALA A 19 -22.72 -4.78 -3.77
N SER A 20 -22.94 -3.82 -4.66
CA SER A 20 -22.28 -3.81 -5.96
C SER A 20 -21.70 -2.43 -6.28
N VAL A 21 -20.62 -2.40 -7.08
CA VAL A 21 -19.94 -1.17 -7.54
C VAL A 21 -19.92 -1.10 -9.04
N LYS A 22 -19.88 0.13 -9.55
CA LYS A 22 -19.73 0.46 -10.97
C LYS A 22 -18.63 1.54 -11.01
N VAL A 23 -17.52 1.22 -11.71
CA VAL A 23 -16.30 2.00 -11.91
C VAL A 23 -16.26 2.41 -13.39
N SER A 24 -15.99 3.70 -13.66
CA SER A 24 -15.95 4.21 -15.03
C SER A 24 -14.54 4.62 -15.46
N CYS A 25 -14.30 4.59 -16.79
CA CYS A 25 -13.02 4.90 -17.41
C CYS A 25 -13.22 5.67 -18.71
N LYS A 26 -13.03 6.98 -18.65
CA LYS A 26 -13.23 7.81 -19.83
C LYS A 26 -11.91 8.03 -20.59
N ALA A 27 -11.93 7.66 -21.88
CA ALA A 27 -10.82 7.76 -22.80
C ALA A 27 -10.92 9.04 -23.63
N SER A 28 -9.77 9.63 -23.98
CA SER A 28 -9.68 10.80 -24.87
C SER A 28 -8.31 10.80 -25.53
N GLY A 29 -8.23 11.46 -26.69
CA GLY A 29 -7.00 11.63 -27.43
C GLY A 29 -6.69 10.52 -28.40
N TYR A 30 -7.66 9.63 -28.62
CA TYR A 30 -7.54 8.51 -29.57
C TYR A 30 -8.93 7.96 -29.97
N THR A 31 -8.96 7.10 -30.99
CA THR A 31 -10.21 6.47 -31.43
C THR A 31 -10.56 5.32 -30.48
N PHE A 32 -11.48 5.58 -29.52
CA PHE A 32 -11.92 4.61 -28.52
C PHE A 32 -12.22 3.21 -29.07
N THR A 33 -12.95 3.16 -30.21
CA THR A 33 -13.41 1.93 -30.86
C THR A 33 -12.34 1.23 -31.67
N SER A 34 -11.11 1.74 -31.69
CA SER A 34 -10.04 1.09 -32.42
C SER A 34 -9.06 0.34 -31.48
N TYR A 35 -9.18 0.49 -30.14
CA TYR A 35 -8.26 -0.14 -29.18
C TYR A 35 -9.00 -0.87 -28.11
N ALA A 36 -8.44 -2.00 -27.63
CA ALA A 36 -9.01 -2.82 -26.58
C ALA A 36 -8.80 -2.14 -25.27
N MET A 37 -9.72 -2.33 -24.32
CA MET A 37 -9.58 -1.81 -22.97
C MET A 37 -9.41 -3.00 -22.03
N ASN A 38 -8.42 -2.93 -21.15
CA ASN A 38 -8.16 -3.98 -20.15
C ASN A 38 -8.47 -3.45 -18.76
N TRP A 39 -8.75 -4.38 -17.83
CA TRP A 39 -9.01 -4.05 -16.43
C TRP A 39 -8.04 -4.83 -15.58
N VAL A 40 -7.34 -4.16 -14.64
CA VAL A 40 -6.37 -4.83 -13.78
C VAL A 40 -6.65 -4.42 -12.30
N ARG A 41 -6.50 -5.39 -11.40
CA ARG A 41 -6.75 -5.25 -9.96
C ARG A 41 -5.44 -5.26 -9.19
N GLN A 42 -5.36 -4.46 -8.14
CA GLN A 42 -4.22 -4.46 -7.24
C GLN A 42 -4.69 -4.38 -5.81
N ALA A 43 -4.71 -5.51 -5.10
CA ALA A 43 -5.09 -5.55 -3.67
C ALA A 43 -3.95 -4.82 -2.86
N PRO A 44 -4.23 -4.20 -1.69
CA PRO A 44 -3.18 -3.40 -1.02
C PRO A 44 -1.90 -4.15 -0.67
N GLY A 45 -0.77 -3.60 -1.10
CA GLY A 45 0.56 -4.16 -0.92
C GLY A 45 0.85 -5.40 -1.74
N GLN A 46 0.02 -5.67 -2.77
CA GLN A 46 0.15 -6.87 -3.61
C GLN A 46 0.44 -6.54 -5.09
N GLY A 47 0.50 -7.57 -5.93
CA GLY A 47 0.84 -7.43 -7.34
C GLY A 47 -0.33 -7.11 -8.24
N LEU A 48 -0.04 -6.76 -9.49
CA LEU A 48 -1.04 -6.50 -10.52
C LEU A 48 -1.63 -7.83 -10.96
N GLU A 49 -2.97 -7.88 -11.12
CA GLU A 49 -3.69 -9.07 -11.59
C GLU A 49 -4.58 -8.67 -12.75
N TRP A 50 -4.41 -9.31 -13.92
CA TRP A 50 -5.24 -9.03 -15.08
C TRP A 50 -6.64 -9.56 -14.82
N VAL A 51 -7.67 -8.69 -15.01
CA VAL A 51 -9.08 -9.06 -14.76
C VAL A 51 -9.72 -9.56 -16.06
N GLY A 52 -9.38 -8.93 -17.18
CA GLY A 52 -9.89 -9.27 -18.49
C GLY A 52 -9.84 -8.14 -19.48
N TRP A 53 -10.36 -8.36 -20.70
CA TRP A 53 -10.39 -7.31 -21.71
C TRP A 53 -11.77 -7.19 -22.35
N ILE A 54 -12.07 -6.03 -22.94
CA ILE A 54 -13.35 -5.80 -23.65
C ILE A 54 -13.07 -5.25 -25.04
N ASN A 55 -13.76 -5.81 -26.05
CA ASN A 55 -13.68 -5.32 -27.42
C ASN A 55 -14.59 -4.09 -27.49
N THR A 56 -13.99 -2.92 -27.79
CA THR A 56 -14.67 -1.62 -27.85
C THR A 56 -15.52 -1.41 -29.11
N ASN A 57 -15.46 -2.34 -30.10
CA ASN A 57 -16.32 -2.25 -31.29
C ASN A 57 -17.56 -3.14 -31.17
N THR A 58 -17.47 -4.28 -30.45
CA THR A 58 -18.58 -5.24 -30.29
C THR A 58 -19.19 -5.28 -28.90
N GLY A 59 -18.42 -4.86 -27.89
CA GLY A 59 -18.83 -4.95 -26.49
C GLY A 59 -18.57 -6.32 -25.91
N ASN A 60 -17.88 -7.20 -26.66
CA ASN A 60 -17.63 -8.54 -26.17
C ASN A 60 -16.50 -8.61 -25.15
N PRO A 61 -16.79 -9.11 -23.93
CA PRO A 61 -15.75 -9.20 -22.89
C PRO A 61 -15.07 -10.57 -22.81
N THR A 62 -13.86 -10.60 -22.26
CA THR A 62 -13.06 -11.82 -22.05
C THR A 62 -12.53 -11.71 -20.62
N TYR A 63 -12.85 -12.68 -19.77
CA TYR A 63 -12.43 -12.67 -18.36
C TYR A 63 -11.28 -13.59 -18.05
N ALA A 64 -10.39 -13.17 -17.14
CA ALA A 64 -9.28 -13.99 -16.66
C ALA A 64 -9.88 -15.07 -15.77
N GLN A 65 -9.11 -16.17 -15.52
CA GLN A 65 -9.51 -17.27 -14.64
C GLN A 65 -9.82 -16.72 -13.25
N GLY A 66 -10.97 -17.11 -12.71
CA GLY A 66 -11.39 -16.65 -11.38
C GLY A 66 -12.13 -15.32 -11.37
N PHE A 67 -12.04 -14.54 -12.49
CA PHE A 67 -12.75 -13.26 -12.64
C PHE A 67 -14.01 -13.44 -13.48
N THR A 68 -14.49 -14.68 -13.48
CA THR A 68 -15.68 -15.17 -14.15
C THR A 68 -16.77 -15.20 -13.06
N GLY A 69 -17.97 -14.69 -13.39
CA GLY A 69 -19.10 -14.64 -12.47
C GLY A 69 -19.55 -13.26 -12.01
N ARG A 70 -18.79 -12.65 -11.07
CA ARG A 70 -19.14 -11.36 -10.46
C ARG A 70 -18.60 -10.09 -11.15
N PHE A 71 -17.68 -10.25 -12.09
CA PHE A 71 -17.09 -9.15 -12.83
C PHE A 71 -17.75 -8.97 -14.19
N VAL A 72 -18.24 -7.74 -14.46
CA VAL A 72 -18.91 -7.40 -15.73
C VAL A 72 -18.30 -6.14 -16.38
N PHE A 73 -17.83 -6.27 -17.63
CA PHE A 73 -17.33 -5.15 -18.41
C PHE A 73 -18.46 -4.68 -19.30
N SER A 74 -18.61 -3.37 -19.49
CA SER A 74 -19.59 -2.78 -20.40
C SER A 74 -19.03 -1.47 -20.99
N LEU A 75 -19.74 -0.87 -21.93
CA LEU A 75 -19.32 0.34 -22.63
C LEU A 75 -20.47 1.33 -22.83
N ASP A 76 -20.06 2.56 -23.16
CA ASP A 76 -20.89 3.66 -23.63
C ASP A 76 -19.96 4.37 -24.63
N THR A 77 -19.94 3.85 -25.86
CA THR A 77 -19.05 4.33 -26.95
C THR A 77 -19.30 5.78 -27.32
N SER A 78 -20.58 6.25 -27.27
CA SER A 78 -20.93 7.65 -27.56
C SER A 78 -20.17 8.65 -26.64
N VAL A 79 -19.83 8.24 -25.38
CA VAL A 79 -19.06 9.06 -24.44
C VAL A 79 -17.63 8.46 -24.19
N SER A 80 -17.18 7.54 -25.10
CA SER A 80 -15.87 6.85 -25.08
C SER A 80 -15.53 6.32 -23.68
N THR A 81 -16.52 5.72 -23.01
CA THR A 81 -16.39 5.24 -21.62
C THR A 81 -16.57 3.71 -21.49
N ALA A 82 -15.71 3.12 -20.66
CA ALA A 82 -15.73 1.70 -20.33
C ALA A 82 -16.06 1.57 -18.84
N TYR A 83 -16.87 0.56 -18.50
CA TYR A 83 -17.31 0.32 -17.13
C TYR A 83 -16.90 -1.01 -16.57
N LEU A 84 -16.59 -1.04 -15.26
CA LEU A 84 -16.34 -2.28 -14.55
C LEU A 84 -17.38 -2.40 -13.43
N GLN A 85 -18.13 -3.50 -13.39
CA GLN A 85 -19.11 -3.77 -12.34
C GLN A 85 -18.74 -5.04 -11.59
N ILE A 86 -18.82 -4.96 -10.26
CA ILE A 86 -18.51 -6.07 -9.36
C ILE A 86 -19.73 -6.26 -8.47
N SER A 87 -20.34 -7.44 -8.52
CA SER A 87 -21.53 -7.73 -7.69
C SER A 87 -21.17 -8.63 -6.49
N SER A 88 -22.09 -8.74 -5.49
CA SER A 88 -21.91 -9.57 -4.28
C SER A 88 -20.51 -9.34 -3.69
N LEU A 89 -20.21 -8.06 -3.41
CA LEU A 89 -18.89 -7.65 -2.91
C LEU A 89 -18.48 -8.31 -1.62
N LYS A 90 -17.21 -8.71 -1.55
CA LYS A 90 -16.64 -9.31 -0.36
C LYS A 90 -15.45 -8.47 0.08
N ALA A 91 -15.04 -8.59 1.34
CA ALA A 91 -13.93 -7.78 1.89
C ALA A 91 -12.62 -7.94 1.08
N GLU A 92 -12.40 -9.12 0.46
CA GLU A 92 -11.22 -9.40 -0.40
C GLU A 92 -11.29 -8.71 -1.77
N ASP A 93 -12.41 -8.05 -2.11
CA ASP A 93 -12.51 -7.26 -3.35
C ASP A 93 -11.90 -5.83 -3.15
N THR A 94 -11.43 -5.51 -1.92
CA THR A 94 -10.76 -4.26 -1.56
C THR A 94 -9.47 -4.17 -2.35
N ALA A 95 -9.45 -3.28 -3.34
CA ALA A 95 -8.34 -3.13 -4.26
C ALA A 95 -8.44 -1.82 -5.03
N VAL A 96 -7.33 -1.46 -5.69
CA VAL A 96 -7.30 -0.38 -6.66
C VAL A 96 -7.55 -1.09 -8.02
N TYR A 97 -8.51 -0.56 -8.79
CA TYR A 97 -8.85 -1.07 -10.13
C TYR A 97 -8.37 -0.09 -11.16
N TYR A 98 -7.52 -0.56 -12.08
CA TYR A 98 -7.03 0.25 -13.19
C TYR A 98 -7.64 -0.21 -14.52
N CYS A 99 -7.81 0.74 -15.42
CA CYS A 99 -8.21 0.41 -16.77
C CYS A 99 -6.96 0.74 -17.56
N ALA A 100 -6.71 0.01 -18.63
CA ALA A 100 -5.52 0.28 -19.46
C ALA A 100 -5.77 0.01 -20.93
N ARG A 101 -5.31 0.91 -21.80
CA ARG A 101 -5.43 0.76 -23.23
C ARG A 101 -4.35 -0.23 -23.68
N GLU A 102 -4.67 -1.07 -24.66
CA GLU A 102 -3.76 -2.07 -25.20
C GLU A 102 -3.34 -1.73 -26.65
N SER A 103 -2.05 -1.98 -26.98
CA SER A 103 -1.49 -1.82 -28.31
C SER A 103 -0.73 -3.09 -28.72
N PRO A 104 -0.58 -3.41 -30.02
CA PRO A 104 -1.16 -2.74 -31.22
C PRO A 104 -2.69 -2.82 -31.25
N ASN A 105 -3.35 -1.93 -32.03
CA ASN A 105 -4.81 -1.94 -32.10
C ASN A 105 -5.35 -3.15 -32.93
N TYR A 106 -6.68 -3.23 -33.07
CA TYR A 106 -7.36 -4.31 -33.78
C TYR A 106 -6.95 -4.50 -35.22
N TYR A 107 -6.68 -3.41 -35.94
CA TYR A 107 -6.40 -3.41 -37.37
C TYR A 107 -4.91 -3.44 -37.73
N ASP A 108 -4.02 -3.64 -36.73
CA ASP A 108 -2.59 -3.69 -37.00
C ASP A 108 -2.16 -5.14 -37.20
N SER A 109 -1.56 -5.44 -38.41
CA SER A 109 -1.10 -6.80 -38.77
C SER A 109 0.04 -7.30 -37.87
N SER A 110 0.74 -6.40 -37.16
CA SER A 110 1.84 -6.75 -36.25
C SER A 110 1.35 -7.34 -34.88
N GLY A 111 0.04 -7.34 -34.63
CA GLY A 111 -0.55 -7.82 -33.39
C GLY A 111 -0.09 -9.17 -32.87
N TYR A 112 -0.15 -10.20 -33.71
CA TYR A 112 0.23 -11.57 -33.34
C TYR A 112 1.69 -11.69 -32.86
N TYR A 113 2.64 -11.11 -33.59
CA TYR A 113 4.05 -11.18 -33.20
C TYR A 113 4.50 -10.11 -32.23
N SER A 114 3.90 -8.93 -32.25
CA SER A 114 4.32 -7.83 -31.41
C SER A 114 3.43 -7.53 -30.22
N GLY A 115 2.23 -8.07 -30.20
CA GLY A 115 1.26 -7.80 -29.15
C GLY A 115 1.47 -8.58 -27.87
N TYR A 116 0.82 -8.17 -26.74
CA TYR A 116 -0.05 -7.01 -26.52
C TYR A 116 0.41 -6.41 -25.21
N TYR A 117 0.61 -5.07 -25.19
CA TYR A 117 1.11 -4.29 -24.04
C TYR A 117 0.19 -3.13 -23.71
N PHE A 118 0.18 -2.70 -22.44
CA PHE A 118 -0.64 -1.61 -21.91
C PHE A 118 0.11 -0.29 -21.94
N ASP A 119 -0.06 0.44 -23.05
CA ASP A 119 0.70 1.68 -23.27
C ASP A 119 0.17 2.88 -22.46
N TYR A 120 -1.13 2.90 -22.13
CA TYR A 120 -1.74 3.99 -21.36
C TYR A 120 -2.66 3.46 -20.29
N TRP A 121 -2.51 3.96 -19.04
CA TRP A 121 -3.30 3.54 -17.89
C TRP A 121 -4.13 4.67 -17.29
N GLY A 122 -5.22 4.29 -16.64
CA GLY A 122 -6.01 5.22 -15.84
C GLY A 122 -5.31 5.38 -14.50
N GLN A 123 -5.70 6.39 -13.69
CA GLN A 123 -5.09 6.69 -12.37
C GLN A 123 -5.48 5.70 -11.28
N GLY A 124 -6.46 4.86 -11.55
CA GLY A 124 -6.93 3.89 -10.57
C GLY A 124 -8.12 4.34 -9.75
N THR A 125 -8.98 3.40 -9.39
CA THR A 125 -10.13 3.64 -8.53
C THR A 125 -10.04 2.68 -7.34
N LEU A 126 -9.90 3.24 -6.13
CA LEU A 126 -9.89 2.45 -4.92
C LEU A 126 -11.36 2.08 -4.55
N VAL A 127 -11.62 0.78 -4.43
CA VAL A 127 -12.92 0.27 -3.99
C VAL A 127 -12.70 -0.34 -2.60
N THR A 128 -13.29 0.26 -1.57
CA THR A 128 -13.17 -0.29 -0.22
C THR A 128 -14.47 -1.04 0.12
N VAL A 129 -14.35 -2.26 0.61
CA VAL A 129 -15.47 -3.10 1.01
C VAL A 129 -15.33 -3.27 2.51
N SER A 130 -16.20 -2.63 3.27
CA SER A 130 -16.18 -2.68 4.73
C SER A 130 -17.60 -2.69 5.29
N SER A 131 -17.80 -3.36 6.43
CA SER A 131 -19.11 -3.40 7.10
C SER A 131 -19.23 -2.30 8.19
N ALA A 132 -18.15 -1.52 8.37
CA ALA A 132 -18.07 -0.45 9.38
C ALA A 132 -18.93 0.78 9.06
N SER A 133 -19.44 1.40 10.12
CA SER A 133 -20.24 2.62 10.07
C SER A 133 -19.37 3.74 10.64
N THR A 134 -19.72 5.02 10.33
CA THR A 134 -19.03 6.21 10.84
C THR A 134 -18.98 6.18 12.37
N LYS A 135 -17.79 6.33 12.93
CA LYS A 135 -17.58 6.28 14.37
C LYS A 135 -16.49 7.25 14.76
N GLY A 136 -16.78 8.15 15.70
CA GLY A 136 -15.81 9.11 16.20
C GLY A 136 -14.87 8.37 17.13
N PRO A 137 -13.60 8.81 17.25
CA PRO A 137 -12.67 8.07 18.12
C PRO A 137 -12.73 8.43 19.59
N SER A 138 -12.07 7.62 20.41
CA SER A 138 -11.80 7.92 21.80
C SER A 138 -10.32 8.34 21.79
N VAL A 139 -9.99 9.41 22.50
CA VAL A 139 -8.64 9.95 22.57
C VAL A 139 -8.12 9.73 23.98
N PHE A 140 -6.93 9.09 24.10
CA PHE A 140 -6.32 8.83 25.37
C PHE A 140 -4.94 9.43 25.51
N PRO A 141 -4.59 10.02 26.71
CA PRO A 141 -3.22 10.54 26.89
C PRO A 141 -2.18 9.42 27.08
N LEU A 142 -0.98 9.59 26.51
CA LEU A 142 0.09 8.59 26.65
C LEU A 142 1.20 9.26 27.46
N ALA A 143 1.06 9.21 28.80
CA ALA A 143 1.92 9.86 29.79
C ALA A 143 3.40 9.51 29.68
N PRO A 144 4.31 10.52 29.79
CA PRO A 144 5.74 10.21 29.74
C PRO A 144 6.15 9.47 31.02
N SER A 145 7.08 8.49 30.89
CA SER A 145 7.60 7.71 32.02
C SER A 145 8.54 8.55 32.89
N GLY A 152 18.41 13.33 28.52
CA GLY A 152 17.48 14.25 29.18
C GLY A 152 16.25 14.56 28.33
N THR A 153 15.61 13.49 27.81
CA THR A 153 14.42 13.66 26.97
C THR A 153 13.29 12.69 27.38
N ALA A 154 12.04 13.11 27.18
CA ALA A 154 10.85 12.31 27.52
C ALA A 154 9.87 12.25 26.36
N ALA A 155 9.30 11.07 26.12
CA ALA A 155 8.31 10.88 25.06
C ALA A 155 6.92 10.80 25.67
N LEU A 156 5.99 11.59 25.11
CA LEU A 156 4.57 11.64 25.50
C LEU A 156 3.71 11.66 24.24
N GLY A 157 2.49 11.19 24.32
CA GLY A 157 1.66 11.19 23.14
C GLY A 157 0.18 11.09 23.36
N CYS A 158 -0.52 10.68 22.32
CA CYS A 158 -1.94 10.42 22.41
C CYS A 158 -2.36 9.38 21.42
N LEU A 159 -3.23 8.51 21.89
CA LEU A 159 -3.80 7.38 21.17
C LEU A 159 -5.19 7.81 20.71
N VAL A 160 -5.43 7.70 19.40
CA VAL A 160 -6.70 8.06 18.76
C VAL A 160 -7.29 6.72 18.37
N LYS A 161 -8.16 6.17 19.22
CA LYS A 161 -8.70 4.80 19.13
C LYS A 161 -10.08 4.63 18.48
N ASP A 162 -10.20 3.59 17.62
CA ASP A 162 -11.43 3.06 16.98
C ASP A 162 -12.35 4.08 16.27
N TYR A 163 -11.88 4.63 15.15
CA TYR A 163 -12.69 5.55 14.38
C TYR A 163 -12.89 4.97 12.99
N PHE A 164 -13.81 5.59 12.22
CA PHE A 164 -14.12 5.25 10.86
C PHE A 164 -14.93 6.38 10.27
N PRO A 165 -14.66 6.79 9.01
CA PRO A 165 -13.55 6.34 8.12
C PRO A 165 -12.33 7.22 8.37
N GLU A 166 -11.29 7.07 7.51
CA GLU A 166 -10.11 7.97 7.50
C GLU A 166 -10.60 9.31 6.90
N PRO A 167 -9.99 10.48 7.16
CA PRO A 167 -8.79 10.72 7.97
C PRO A 167 -9.05 11.34 9.35
N VAL A 168 -7.98 11.46 10.13
CA VAL A 168 -7.92 12.22 11.37
C VAL A 168 -6.65 13.05 11.29
N THR A 169 -6.63 14.17 11.98
CA THR A 169 -5.45 15.00 12.04
C THR A 169 -5.11 15.20 13.52
N VAL A 170 -3.82 15.31 13.78
CA VAL A 170 -3.33 15.56 15.12
C VAL A 170 -2.35 16.71 15.02
N SER A 171 -2.46 17.64 15.96
CA SER A 171 -1.55 18.75 16.14
C SER A 171 -1.26 18.83 17.65
N TRP A 172 -0.17 19.47 18.03
CA TRP A 172 0.22 19.61 19.42
C TRP A 172 0.28 21.09 19.82
N ASN A 173 -0.35 21.43 20.96
CA ASN A 173 -0.45 22.76 21.56
C ASN A 173 -1.01 23.80 20.56
N SER A 174 -2.04 23.36 19.78
CA SER A 174 -2.78 24.11 18.75
C SER A 174 -1.93 24.53 17.55
N GLY A 175 -0.85 23.78 17.32
CA GLY A 175 0.09 24.04 16.22
C GLY A 175 1.43 24.59 16.66
N ALA A 176 1.46 25.32 17.81
CA ALA A 176 2.64 25.96 18.39
C ALA A 176 3.84 25.01 18.68
N LEU A 177 3.56 23.68 18.79
CA LEU A 177 4.58 22.64 19.03
C LEU A 177 4.65 21.78 17.78
N THR A 178 5.83 21.72 17.13
CA THR A 178 6.01 21.00 15.86
C THR A 178 7.26 20.13 15.79
N SER A 179 8.29 20.47 16.59
CA SER A 179 9.58 19.78 16.64
C SER A 179 9.56 18.66 17.67
N GLY A 180 9.87 17.46 17.20
CA GLY A 180 9.88 16.25 18.00
C GLY A 180 8.60 15.45 17.88
N VAL A 181 7.72 15.86 16.92
CA VAL A 181 6.41 15.24 16.65
C VAL A 181 6.49 14.16 15.55
N HIS A 182 6.18 12.89 15.90
CA HIS A 182 6.02 11.78 14.94
C HIS A 182 4.52 11.41 15.03
N THR A 183 3.76 11.64 13.97
CA THR A 183 2.38 11.21 13.91
C THR A 183 2.43 9.98 13.01
N PHE A 184 1.97 8.86 13.55
CA PHE A 184 2.08 7.58 12.87
C PHE A 184 0.88 7.25 12.03
N PRO A 185 1.04 6.64 10.82
CA PRO A 185 -0.13 6.22 10.04
C PRO A 185 -0.98 5.23 10.83
N ALA A 186 -2.27 5.21 10.53
CA ALA A 186 -3.25 4.39 11.21
C ALA A 186 -3.09 2.91 10.92
N VAL A 187 -3.56 2.11 11.88
CA VAL A 187 -3.68 0.67 11.76
C VAL A 187 -5.18 0.38 11.48
N LEU A 188 -5.47 -0.62 10.65
CA LEU A 188 -6.82 -1.06 10.34
C LEU A 188 -6.98 -2.33 11.15
N GLN A 189 -7.96 -2.36 12.03
CA GLN A 189 -8.15 -3.53 12.87
C GLN A 189 -9.12 -4.51 12.23
N SER A 190 -9.11 -5.77 12.73
CA SER A 190 -9.99 -6.85 12.24
C SER A 190 -11.49 -6.50 12.42
N SER A 191 -11.79 -5.47 13.25
CA SER A 191 -13.12 -4.91 13.52
C SER A 191 -13.53 -3.96 12.37
N GLY A 192 -12.57 -3.53 11.56
CA GLY A 192 -12.82 -2.58 10.48
C GLY A 192 -12.64 -1.13 10.91
N LEU A 193 -12.23 -0.90 12.16
CA LEU A 193 -12.02 0.46 12.66
C LEU A 193 -10.52 0.78 12.61
N TYR A 194 -10.18 2.07 12.57
CA TYR A 194 -8.80 2.53 12.57
C TYR A 194 -8.37 3.02 13.94
N SER A 195 -7.05 3.06 14.17
CA SER A 195 -6.43 3.63 15.35
C SER A 195 -5.11 4.24 14.90
N LEU A 196 -4.68 5.31 15.56
CA LEU A 196 -3.37 5.91 15.32
C LEU A 196 -2.85 6.57 16.58
N SER A 197 -1.57 6.88 16.57
CA SER A 197 -0.89 7.54 17.67
C SER A 197 -0.02 8.67 17.12
N SER A 198 0.21 9.70 17.97
CA SER A 198 1.10 10.83 17.77
C SER A 198 1.98 10.89 19.03
N VAL A 199 3.29 11.06 18.86
CA VAL A 199 4.27 11.10 19.94
C VAL A 199 5.20 12.31 19.78
N VAL A 200 5.47 12.99 20.90
CA VAL A 200 6.36 14.14 20.95
C VAL A 200 7.45 13.90 21.96
N THR A 201 8.68 14.10 21.50
CA THR A 201 9.89 13.97 22.31
C THR A 201 10.18 15.39 22.80
N VAL A 202 10.17 15.56 24.10
CA VAL A 202 10.39 16.86 24.75
C VAL A 202 11.56 16.80 25.72
N PRO A 203 12.29 17.92 25.94
CA PRO A 203 13.33 17.90 26.97
C PRO A 203 12.65 17.67 28.32
N SER A 204 13.29 16.93 29.25
CA SER A 204 12.72 16.65 30.57
C SER A 204 12.58 17.95 31.41
N SER A 205 11.52 18.70 31.08
CA SER A 205 11.04 19.95 31.63
C SER A 205 9.52 19.84 31.59
N SER A 206 9.02 18.76 32.21
CA SER A 206 7.61 18.50 32.36
C SER A 206 7.21 19.37 33.54
N LEU A 207 7.29 20.72 33.34
CA LEU A 207 6.98 21.77 34.32
C LEU A 207 5.60 21.45 34.83
N GLY A 208 5.38 21.63 36.14
CA GLY A 208 4.08 21.42 36.75
C GLY A 208 2.95 21.95 35.87
N THR A 209 3.25 23.07 35.15
CA THR A 209 2.35 23.70 34.19
C THR A 209 3.07 24.06 32.83
N GLN A 210 3.78 23.07 32.21
CA GLN A 210 4.32 23.18 30.84
C GLN A 210 3.38 22.25 30.13
N THR A 211 2.27 22.83 29.67
CA THR A 211 1.15 22.11 29.10
C THR A 211 1.43 21.52 27.73
N TYR A 212 1.06 20.26 27.62
CA TYR A 212 1.10 19.51 26.38
C TYR A 212 -0.31 19.03 26.11
N ILE A 213 -0.91 19.56 25.04
CA ILE A 213 -2.26 19.25 24.61
C ILE A 213 -2.22 18.75 23.18
N CYS A 214 -2.83 17.58 22.88
CA CYS A 214 -2.92 17.13 21.50
C CYS A 214 -4.32 17.47 21.01
N ASN A 215 -4.43 18.02 19.78
CA ASN A 215 -5.68 18.44 19.17
C ASN A 215 -6.07 17.45 18.11
N VAL A 216 -7.16 16.72 18.32
CA VAL A 216 -7.58 15.65 17.40
C VAL A 216 -8.83 16.04 16.66
N ASN A 217 -8.82 15.87 15.33
CA ASN A 217 -9.98 16.15 14.48
C ASN A 217 -10.35 14.93 13.68
N HIS A 218 -11.60 14.49 13.80
CA HIS A 218 -12.17 13.45 12.95
C HIS A 218 -13.40 14.12 12.33
N LYS A 219 -13.21 14.78 11.18
CA LYS A 219 -14.22 15.55 10.44
C LYS A 219 -15.43 14.73 10.01
N PRO A 220 -15.31 13.48 9.52
CA PRO A 220 -16.54 12.73 9.14
C PRO A 220 -17.56 12.48 10.25
N SER A 221 -17.16 12.63 11.54
CA SER A 221 -18.07 12.42 12.69
C SER A 221 -18.22 13.67 13.57
N ASN A 222 -17.68 14.83 13.13
CA ASN A 222 -17.66 16.10 13.87
C ASN A 222 -17.03 15.94 15.25
N THR A 223 -15.87 15.25 15.30
CA THR A 223 -15.13 15.09 16.53
C THR A 223 -13.94 16.04 16.55
N LYS A 224 -13.86 16.87 17.60
CA LYS A 224 -12.73 17.75 17.87
C LYS A 224 -12.41 17.57 19.39
N VAL A 225 -11.24 16.99 19.73
CA VAL A 225 -10.83 16.71 21.11
C VAL A 225 -9.46 17.32 21.46
N ASP A 226 -9.39 18.04 22.58
CA ASP A 226 -8.14 18.61 23.10
C ASP A 226 -7.78 17.83 24.36
N LYS A 227 -6.71 16.99 24.29
CA LYS A 227 -6.33 16.20 25.46
C LYS A 227 -5.03 16.65 26.09
N LYS A 228 -5.08 17.01 27.38
CA LYS A 228 -3.90 17.38 28.15
C LYS A 228 -3.17 16.07 28.46
N VAL A 229 -1.85 16.08 28.28
CA VAL A 229 -1.01 14.92 28.56
C VAL A 229 -0.08 15.30 29.72
N GLU A 230 -0.30 14.67 30.88
CA GLU A 230 0.47 14.97 32.09
C GLU A 230 1.37 13.83 32.56
N PRO A 231 2.50 14.08 33.28
CA PRO A 231 3.35 12.96 33.76
C PRO A 231 2.71 12.08 34.82
N TYR B 5 -0.42 -19.89 -17.85
CA TYR B 5 0.97 -19.51 -18.04
C TYR B 5 1.51 -18.72 -16.86
N GLU B 6 2.60 -19.22 -16.27
CA GLU B 6 3.22 -18.56 -15.13
C GLU B 6 4.46 -17.80 -15.48
N LEU B 7 4.60 -16.62 -14.88
CA LEU B 7 5.76 -15.76 -14.98
C LEU B 7 6.37 -15.71 -13.57
N THR B 8 7.66 -15.96 -13.45
CA THR B 8 8.31 -15.96 -12.13
C THR B 8 9.36 -14.86 -12.06
N GLN B 9 9.20 -13.97 -11.08
CA GLN B 9 10.10 -12.83 -10.80
C GLN B 9 10.72 -12.94 -9.38
N PRO B 10 12.00 -12.51 -9.16
CA PRO B 10 12.53 -12.48 -7.77
C PRO B 10 11.73 -11.41 -6.97
N PRO B 11 11.34 -11.64 -5.70
CA PRO B 11 10.56 -10.62 -4.99
C PRO B 11 11.32 -9.31 -4.73
N SER B 12 12.62 -9.41 -4.50
CA SER B 12 13.47 -8.30 -4.10
C SER B 12 14.82 -8.24 -4.80
N VAL B 13 15.24 -7.01 -5.17
CA VAL B 13 16.55 -6.68 -5.77
C VAL B 13 16.99 -5.37 -5.12
N SER B 14 18.23 -5.34 -4.59
CA SER B 14 18.86 -4.18 -3.97
C SER B 14 20.02 -3.73 -4.86
N VAL B 15 20.23 -2.41 -4.97
CA VAL B 15 21.26 -1.83 -5.83
C VAL B 15 21.85 -0.59 -5.19
N ALA B 16 23.16 -0.43 -5.34
CA ALA B 16 23.90 0.75 -4.94
C ALA B 16 23.63 1.80 -6.06
N PRO B 17 23.39 3.08 -5.71
CA PRO B 17 23.19 4.11 -6.75
C PRO B 17 24.37 4.20 -7.72
N GLY B 18 24.08 4.37 -9.00
CA GLY B 18 25.08 4.48 -10.05
C GLY B 18 25.47 3.14 -10.65
N GLN B 19 25.12 2.02 -9.96
CA GLN B 19 25.38 0.66 -10.42
C GLN B 19 24.24 0.18 -11.32
N THR B 20 24.29 -1.09 -11.80
CA THR B 20 23.21 -1.56 -12.66
C THR B 20 22.39 -2.67 -12.00
N ALA B 21 21.06 -2.55 -12.09
CA ALA B 21 20.11 -3.52 -11.59
C ALA B 21 19.69 -4.41 -12.73
N THR B 22 19.45 -5.68 -12.43
CA THR B 22 19.04 -6.73 -13.35
C THR B 22 17.82 -7.39 -12.73
N ILE B 23 16.70 -7.37 -13.44
CA ILE B 23 15.45 -7.98 -12.99
C ILE B 23 15.10 -9.09 -13.96
N THR B 24 14.94 -10.33 -13.47
CA THR B 24 14.61 -11.45 -14.35
C THR B 24 13.13 -11.80 -14.27
N CYS B 25 12.67 -12.45 -15.36
CA CYS B 25 11.33 -12.90 -15.56
C CYS B 25 11.41 -14.22 -16.30
N GLY B 26 11.14 -15.30 -15.58
CA GLY B 26 11.17 -16.66 -16.13
C GLY B 26 9.82 -17.16 -16.57
N GLY B 27 9.83 -17.94 -17.64
CA GLY B 27 8.64 -18.58 -18.21
C GLY B 27 9.03 -19.57 -19.27
N LYS B 28 8.36 -20.75 -19.31
CA LYS B 28 8.61 -21.80 -20.32
C LYS B 28 8.48 -21.18 -21.72
N ASN B 29 9.58 -21.24 -22.51
CA ASN B 29 9.67 -20.71 -23.87
C ASN B 29 9.19 -19.23 -23.94
N ILE B 30 9.70 -18.41 -22.99
CA ILE B 30 9.36 -16.99 -22.90
C ILE B 30 9.94 -16.22 -24.09
N GLY B 31 11.05 -16.72 -24.65
CA GLY B 31 11.71 -16.16 -25.82
C GLY B 31 10.81 -16.10 -27.04
N SER B 32 9.81 -16.99 -27.12
CA SER B 32 8.87 -17.00 -28.26
C SER B 32 7.73 -16.01 -28.13
N LYS B 33 7.58 -15.38 -26.93
CA LYS B 33 6.55 -14.39 -26.61
C LYS B 33 7.16 -12.99 -26.54
N SER B 34 6.34 -11.90 -26.72
CA SER B 34 6.81 -10.51 -26.54
C SER B 34 6.62 -10.17 -25.07
N VAL B 35 7.67 -9.64 -24.45
CA VAL B 35 7.71 -9.32 -23.01
C VAL B 35 7.76 -7.82 -22.80
N HIS B 36 6.89 -7.35 -21.91
CA HIS B 36 6.75 -5.95 -21.58
C HIS B 36 7.00 -5.73 -20.08
N TRP B 37 7.50 -4.54 -19.71
CA TRP B 37 7.87 -4.20 -18.34
C TRP B 37 7.18 -2.94 -17.87
N TYR B 38 6.65 -2.96 -16.64
CA TYR B 38 5.96 -1.81 -15.99
C TYR B 38 6.68 -1.42 -14.72
N GLN B 39 6.78 -0.10 -14.50
CA GLN B 39 7.40 0.51 -13.33
C GLN B 39 6.24 1.13 -12.55
N GLN B 40 6.16 0.79 -11.27
CA GLN B 40 5.14 1.35 -10.43
C GLN B 40 5.76 1.96 -9.17
N LYS B 41 5.85 3.29 -9.14
CA LYS B 41 6.37 4.02 -7.98
C LYS B 41 5.26 4.05 -6.90
N PRO B 42 5.61 4.13 -5.58
CA PRO B 42 4.54 4.11 -4.54
C PRO B 42 3.46 5.17 -4.70
N GLY B 43 2.21 4.76 -4.49
CA GLY B 43 1.02 5.58 -4.61
C GLY B 43 0.62 5.94 -6.03
N GLN B 44 1.40 5.46 -7.02
CA GLN B 44 1.15 5.77 -8.43
C GLN B 44 0.65 4.59 -9.26
N ALA B 45 0.15 4.90 -10.44
CA ALA B 45 -0.29 3.90 -11.40
C ALA B 45 0.97 3.35 -12.12
N PRO B 46 0.92 2.10 -12.67
CA PRO B 46 2.07 1.59 -13.45
C PRO B 46 2.31 2.40 -14.74
N VAL B 47 3.56 2.40 -15.22
CA VAL B 47 3.97 3.08 -16.45
C VAL B 47 4.74 2.02 -17.27
N LEU B 48 4.44 1.93 -18.59
CA LEU B 48 5.14 1.00 -19.46
C LEU B 48 6.55 1.55 -19.67
N VAL B 49 7.59 0.77 -19.31
CA VAL B 49 8.95 1.30 -19.47
C VAL B 49 9.69 0.59 -20.62
N VAL B 50 9.30 -0.66 -20.95
CA VAL B 50 9.88 -1.49 -22.01
C VAL B 50 8.77 -2.34 -22.63
N TYR B 51 8.70 -2.37 -23.98
CA TYR B 51 7.71 -3.20 -24.67
C TYR B 51 8.43 -3.97 -25.75
N ASP B 52 7.89 -5.16 -26.14
CA ASP B 52 8.49 -6.01 -27.20
C ASP B 52 9.96 -6.37 -26.90
N ASP B 53 10.21 -6.74 -25.62
CA ASP B 53 11.48 -7.17 -25.03
C ASP B 53 12.46 -6.04 -24.73
N SER B 54 12.62 -5.07 -25.67
CA SER B 54 13.68 -4.07 -25.60
C SER B 54 13.36 -2.68 -26.09
N ASP B 55 12.13 -2.41 -26.54
CA ASP B 55 11.85 -1.02 -26.96
C ASP B 55 11.41 -0.17 -25.81
N ARG B 56 11.72 1.10 -25.92
CA ARG B 56 11.35 2.09 -24.94
C ARG B 56 10.34 3.03 -25.52
N PRO B 57 9.24 3.30 -24.78
CA PRO B 57 8.28 4.33 -25.22
C PRO B 57 8.97 5.69 -25.11
N SER B 58 8.51 6.70 -25.86
CA SER B 58 9.13 8.04 -25.83
C SER B 58 9.11 8.63 -24.41
N GLY B 59 10.26 9.15 -23.97
CA GLY B 59 10.40 9.69 -22.62
C GLY B 59 11.11 8.75 -21.68
N ILE B 60 11.18 7.45 -22.01
CA ILE B 60 11.88 6.51 -21.14
C ILE B 60 13.39 6.56 -21.43
N PRO B 61 14.25 6.83 -20.42
CA PRO B 61 15.70 6.98 -20.69
C PRO B 61 16.42 5.72 -21.18
N GLU B 62 17.53 5.94 -21.92
CA GLU B 62 18.39 4.91 -22.54
C GLU B 62 18.97 3.90 -21.53
N ARG B 63 19.05 4.31 -20.24
CA ARG B 63 19.48 3.48 -19.09
C ARG B 63 18.61 2.23 -18.94
N PHE B 64 17.37 2.28 -19.42
CA PHE B 64 16.42 1.16 -19.39
C PHE B 64 16.58 0.32 -20.65
N SER B 65 16.84 -0.97 -20.46
CA SER B 65 16.97 -1.92 -21.56
C SER B 65 16.44 -3.32 -21.15
N GLY B 66 16.26 -4.15 -22.14
CA GLY B 66 15.77 -5.47 -21.91
C GLY B 66 16.22 -6.45 -22.97
N SER B 67 16.13 -7.72 -22.62
CA SER B 67 16.44 -8.82 -23.51
C SER B 67 15.47 -9.96 -23.16
N ASN B 68 15.29 -10.88 -24.11
CA ASN B 68 14.40 -12.01 -23.97
C ASN B 68 14.90 -13.16 -24.86
N SER B 69 15.31 -14.25 -24.25
CA SER B 69 15.81 -15.41 -24.97
C SER B 69 15.57 -16.68 -24.16
N GLY B 70 15.15 -17.74 -24.83
CA GLY B 70 14.91 -19.04 -24.22
C GLY B 70 13.83 -19.07 -23.16
N ASN B 71 14.27 -19.28 -21.90
CA ASN B 71 13.32 -19.39 -20.79
C ASN B 71 13.37 -18.19 -19.81
N THR B 72 14.19 -17.15 -20.11
CA THR B 72 14.32 -15.97 -19.27
C THR B 72 14.30 -14.66 -20.07
N ALA B 73 13.54 -13.66 -19.56
CA ALA B 73 13.49 -12.30 -20.08
C ALA B 73 14.12 -11.47 -18.97
N THR B 74 14.84 -10.39 -19.35
CA THR B 74 15.55 -9.56 -18.39
C THR B 74 15.35 -8.08 -18.64
N LEU B 75 15.09 -7.34 -17.56
CA LEU B 75 15.01 -5.89 -17.54
C LEU B 75 16.33 -5.45 -16.90
N THR B 76 17.09 -4.60 -17.58
CA THR B 76 18.37 -4.10 -17.11
C THR B 76 18.24 -2.61 -16.94
N ILE B 77 18.74 -2.09 -15.82
CA ILE B 77 18.69 -0.67 -15.57
C ILE B 77 20.09 -0.20 -15.11
N SER B 78 20.74 0.56 -16.01
CA SER B 78 22.08 1.12 -15.85
C SER B 78 22.06 2.45 -15.11
N ARG B 79 23.14 2.74 -14.37
CA ARG B 79 23.35 3.99 -13.62
C ARG B 79 22.09 4.35 -12.83
N VAL B 80 21.69 3.45 -11.94
CA VAL B 80 20.48 3.51 -11.12
C VAL B 80 20.48 4.77 -10.25
N GLU B 81 19.40 5.54 -10.34
CA GLU B 81 19.18 6.77 -9.58
C GLU B 81 18.18 6.40 -8.49
N ALA B 82 18.05 7.26 -7.45
CA ALA B 82 17.08 7.11 -6.35
C ALA B 82 15.65 7.10 -6.93
N GLY B 83 15.43 7.84 -8.02
CA GLY B 83 14.15 7.90 -8.75
C GLY B 83 13.68 6.60 -9.35
N ASP B 84 14.61 5.63 -9.57
CA ASP B 84 14.30 4.29 -10.10
C ASP B 84 13.71 3.31 -9.04
N GLU B 85 13.75 3.67 -7.75
CA GLU B 85 13.18 2.85 -6.68
C GLU B 85 11.64 2.66 -6.91
N ALA B 86 11.21 1.41 -7.18
CA ALA B 86 9.83 1.10 -7.53
C ALA B 86 9.64 -0.40 -7.60
N ASP B 87 8.40 -0.83 -7.89
CA ASP B 87 8.10 -2.23 -8.17
C ASP B 87 8.06 -2.37 -9.69
N TYR B 88 8.70 -3.41 -10.21
CA TYR B 88 8.75 -3.70 -11.62
C TYR B 88 8.01 -4.98 -11.91
N TYR B 89 7.15 -4.98 -12.93
CA TYR B 89 6.35 -6.13 -13.33
C TYR B 89 6.60 -6.47 -14.79
N CYS B 90 6.68 -7.76 -15.11
CA CYS B 90 6.76 -8.14 -16.51
C CYS B 90 5.38 -8.68 -16.92
N GLN B 91 5.09 -8.65 -18.21
CA GLN B 91 3.80 -9.06 -18.77
C GLN B 91 3.93 -9.63 -20.20
N VAL B 92 3.12 -10.64 -20.49
CA VAL B 92 3.04 -11.29 -21.79
C VAL B 92 1.55 -11.50 -22.15
N TRP B 93 1.31 -11.71 -23.44
CA TRP B 93 0.05 -12.12 -24.00
C TRP B 93 0.25 -13.59 -24.40
N ASP B 94 -0.70 -14.44 -24.05
CA ASP B 94 -0.66 -15.86 -24.39
C ASP B 94 -1.65 -16.11 -25.54
N SER B 95 -1.15 -16.45 -26.73
CA SER B 95 -1.98 -16.67 -27.91
C SER B 95 -2.93 -17.86 -27.76
N SER B 96 -2.54 -18.86 -26.92
CA SER B 96 -3.33 -20.06 -26.68
C SER B 96 -4.64 -19.76 -25.94
N SER B 97 -4.55 -19.05 -24.81
CA SER B 97 -5.71 -18.71 -23.97
C SER B 97 -6.34 -17.35 -24.28
N ASP B 98 -5.57 -16.44 -24.91
CA ASP B 98 -5.92 -15.04 -25.20
C ASP B 98 -5.98 -14.23 -23.86
N HIS B 99 -5.08 -14.59 -22.93
CA HIS B 99 -4.90 -13.93 -21.65
C HIS B 99 -3.67 -13.06 -21.66
N ARG B 100 -3.69 -12.03 -20.83
CA ARG B 100 -2.54 -11.19 -20.53
C ARG B 100 -2.18 -11.62 -19.13
N VAL B 101 -0.88 -11.81 -18.84
CA VAL B 101 -0.39 -12.36 -17.57
C VAL B 101 0.67 -11.46 -17.00
N PHE B 102 0.64 -11.25 -15.70
CA PHE B 102 1.68 -10.46 -15.04
C PHE B 102 2.50 -11.37 -14.16
N GLY B 103 3.78 -11.03 -14.01
CA GLY B 103 4.63 -11.68 -13.03
C GLY B 103 4.23 -11.10 -11.67
N GLY B 104 4.74 -11.70 -10.60
CA GLY B 104 4.47 -11.32 -9.22
C GLY B 104 5.08 -9.99 -8.80
N GLY B 105 5.99 -9.47 -9.60
CA GLY B 105 6.63 -8.18 -9.33
C GLY B 105 7.90 -8.27 -8.52
N THR B 106 8.80 -7.31 -8.76
CA THR B 106 10.07 -7.21 -8.04
C THR B 106 10.14 -5.81 -7.43
N LYS B 107 10.43 -5.73 -6.13
CA LYS B 107 10.66 -4.46 -5.46
C LYS B 107 12.13 -4.11 -5.69
N LEU B 108 12.39 -2.97 -6.32
CA LEU B 108 13.75 -2.53 -6.50
C LEU B 108 14.08 -1.51 -5.43
N THR B 109 15.09 -1.79 -4.61
CA THR B 109 15.56 -0.87 -3.57
C THR B 109 16.90 -0.33 -4.02
N VAL B 110 17.01 0.99 -3.99
CA VAL B 110 18.23 1.74 -4.31
C VAL B 110 18.75 2.15 -2.95
N LEU B 111 19.83 1.49 -2.48
CA LEU B 111 20.42 1.72 -1.15
C LEU B 111 21.08 3.10 -1.05
N GLY B 112 20.29 4.10 -0.73
CA GLY B 112 20.76 5.48 -0.64
C GLY B 112 21.25 5.94 0.73
N GLN B 113 21.31 5.02 1.71
CA GLN B 113 21.78 5.34 3.07
C GLN B 113 22.21 4.09 3.83
N PRO B 114 23.04 4.20 4.91
CA PRO B 114 23.41 3.00 5.66
C PRO B 114 22.25 2.43 6.48
N LYS B 115 22.39 1.16 6.88
CA LYS B 115 21.44 0.43 7.73
C LYS B 115 21.22 1.24 9.04
N ALA B 116 19.95 1.43 9.43
CA ALA B 116 19.60 2.16 10.66
C ALA B 116 18.66 1.28 11.49
N ALA B 117 19.03 1.03 12.73
CA ALA B 117 18.19 0.20 13.61
C ALA B 117 16.97 0.99 14.04
N PRO B 118 15.82 0.31 14.20
CA PRO B 118 14.62 1.02 14.66
C PRO B 118 14.73 1.56 16.10
N SER B 119 14.09 2.71 16.35
CA SER B 119 13.98 3.29 17.69
C SER B 119 12.57 2.90 18.12
N VAL B 120 12.43 2.28 19.28
CA VAL B 120 11.18 1.70 19.74
C VAL B 120 10.69 2.38 21.01
N THR B 121 9.40 2.76 21.03
CA THR B 121 8.74 3.34 22.21
C THR B 121 7.51 2.53 22.55
N LEU B 122 7.43 2.09 23.81
CA LEU B 122 6.32 1.29 24.28
C LEU B 122 5.56 1.99 25.38
N PHE B 123 4.23 2.14 25.18
CA PHE B 123 3.37 2.77 26.15
C PHE B 123 2.39 1.76 26.78
N PRO B 124 2.23 1.76 28.12
CA PRO B 124 1.21 0.89 28.73
C PRO B 124 -0.20 1.51 28.57
N PRO B 125 -1.29 0.80 28.97
CA PRO B 125 -2.63 1.42 28.90
C PRO B 125 -2.75 2.65 29.79
N SER B 126 -3.48 3.66 29.32
CA SER B 126 -3.71 4.88 30.12
C SER B 126 -4.74 4.62 31.20
N SER B 127 -4.78 5.51 32.20
CA SER B 127 -5.76 5.47 33.29
C SER B 127 -7.20 5.61 32.75
N GLU B 128 -7.37 6.47 31.75
CA GLU B 128 -8.64 6.81 31.10
C GLU B 128 -9.22 5.60 30.38
N GLU B 129 -8.38 4.85 29.64
CA GLU B 129 -8.80 3.64 28.92
C GLU B 129 -9.16 2.51 29.89
N LEU B 130 -8.34 2.33 30.94
CA LEU B 130 -8.59 1.32 31.98
C LEU B 130 -9.99 1.56 32.62
N GLN B 131 -10.40 2.84 32.82
CA GLN B 131 -11.71 3.26 33.35
C GLN B 131 -12.87 2.86 32.42
N ALA B 132 -12.61 2.83 31.10
CA ALA B 132 -13.57 2.46 30.06
C ALA B 132 -13.53 0.94 29.80
N ASN B 133 -12.96 0.16 30.74
CA ASN B 133 -12.79 -1.30 30.77
C ASN B 133 -12.07 -1.85 29.52
N LYS B 134 -11.02 -1.15 29.10
CA LYS B 134 -10.24 -1.51 27.93
C LYS B 134 -8.74 -1.32 28.20
N ALA B 135 -7.88 -1.98 27.42
CA ALA B 135 -6.44 -1.88 27.63
C ALA B 135 -5.69 -2.07 26.32
N THR B 136 -4.94 -1.03 25.89
CA THR B 136 -4.15 -1.03 24.68
C THR B 136 -2.70 -0.71 24.99
N LEU B 137 -1.79 -1.58 24.51
CA LEU B 137 -0.34 -1.38 24.55
C LEU B 137 0.05 -0.85 23.17
N VAL B 138 0.79 0.26 23.17
CA VAL B 138 1.14 0.97 21.96
C VAL B 138 2.63 0.90 21.74
N CYS B 139 3.06 0.28 20.63
CA CYS B 139 4.45 0.16 20.27
C CYS B 139 4.73 0.99 19.01
N LEU B 140 5.53 2.02 19.17
CA LEU B 140 5.89 2.96 18.13
C LEU B 140 7.29 2.70 17.65
N ILE B 141 7.43 2.52 16.31
CA ILE B 141 8.72 2.10 15.73
C ILE B 141 9.16 3.14 14.72
N SER B 142 10.33 3.72 14.92
CA SER B 142 10.72 4.75 13.96
C SER B 142 12.17 4.69 13.50
N ASP B 143 12.50 5.44 12.44
CA ASP B 143 13.84 5.63 11.90
C ASP B 143 14.59 4.38 11.52
N PHE B 144 13.91 3.43 10.90
CA PHE B 144 14.60 2.23 10.49
C PHE B 144 14.86 2.25 8.98
N TYR B 145 15.99 1.64 8.57
CA TYR B 145 16.37 1.54 7.17
C TYR B 145 17.17 0.26 6.94
N PRO B 146 16.84 -0.61 5.95
CA PRO B 146 15.70 -0.55 4.99
C PRO B 146 14.31 -0.63 5.63
N GLY B 147 13.27 -0.33 4.84
CA GLY B 147 11.88 -0.28 5.27
C GLY B 147 11.15 -1.58 5.49
N ALA B 148 11.72 -2.50 6.29
CA ALA B 148 11.10 -3.79 6.60
C ALA B 148 11.41 -4.18 8.05
N VAL B 149 10.36 -4.61 8.75
CA VAL B 149 10.43 -4.96 10.17
C VAL B 149 9.40 -6.07 10.47
N THR B 150 9.65 -6.84 11.52
CA THR B 150 8.82 -7.92 12.07
C THR B 150 8.59 -7.58 13.55
N VAL B 151 7.33 -7.69 13.99
CA VAL B 151 6.96 -7.40 15.37
C VAL B 151 6.35 -8.65 16.03
N ALA B 152 6.79 -8.97 17.25
CA ALA B 152 6.26 -10.05 18.06
C ALA B 152 6.03 -9.50 19.46
N TRP B 153 4.94 -9.95 20.13
CA TRP B 153 4.60 -9.54 21.48
C TRP B 153 4.80 -10.71 22.45
N LYS B 154 5.18 -10.40 23.71
CA LYS B 154 5.46 -11.39 24.75
C LYS B 154 4.82 -10.99 26.06
N ALA B 155 4.36 -11.97 26.82
CA ALA B 155 3.76 -11.77 28.15
C ALA B 155 4.35 -12.84 29.04
N ASP B 156 5.04 -12.46 30.15
CA ASP B 156 5.61 -13.45 31.11
C ASP B 156 6.41 -14.53 30.29
N SER B 157 7.18 -14.10 29.24
CA SER B 157 7.99 -14.90 28.28
C SER B 157 7.19 -15.60 27.16
N SER B 158 5.86 -15.72 27.30
CA SER B 158 5.00 -16.38 26.33
C SER B 158 4.64 -15.53 25.10
N PRO B 159 4.59 -16.14 23.90
CA PRO B 159 4.18 -15.37 22.69
C PRO B 159 2.68 -15.03 22.71
N VAL B 160 2.34 -13.77 22.41
CA VAL B 160 0.94 -13.30 22.35
C VAL B 160 0.61 -13.07 20.89
N LYS B 161 -0.35 -13.81 20.32
CA LYS B 161 -0.77 -13.61 18.91
C LYS B 161 -2.14 -12.95 18.80
N ALA B 162 -3.05 -13.21 19.76
CA ALA B 162 -4.40 -12.65 19.77
C ALA B 162 -4.34 -11.18 20.16
N GLY B 163 -5.21 -10.38 19.54
CA GLY B 163 -5.33 -8.94 19.78
C GLY B 163 -4.21 -8.06 19.23
N VAL B 164 -3.34 -8.64 18.37
CA VAL B 164 -2.23 -7.92 17.75
C VAL B 164 -2.64 -7.33 16.37
N GLU B 165 -2.29 -6.06 16.13
CA GLU B 165 -2.54 -5.38 14.87
C GLU B 165 -1.33 -4.49 14.58
N THR B 166 -0.59 -4.78 13.48
CA THR B 166 0.63 -4.06 13.07
C THR B 166 0.47 -3.41 11.70
N THR B 167 1.01 -2.20 11.53
CA THR B 167 0.99 -1.52 10.25
C THR B 167 2.15 -2.04 9.34
N THR B 168 2.07 -1.67 8.06
CA THR B 168 3.08 -1.83 7.03
C THR B 168 4.07 -0.68 7.37
N PRO B 169 5.37 -0.75 7.01
CA PRO B 169 6.23 0.43 7.24
C PRO B 169 5.86 1.58 6.31
N SER B 170 6.18 2.79 6.73
CA SER B 170 5.89 3.99 5.96
C SER B 170 7.09 4.91 5.94
N LYS B 171 7.37 5.46 4.76
CA LYS B 171 8.46 6.39 4.55
C LYS B 171 8.16 7.71 5.24
N GLN B 172 9.10 8.16 6.11
CA GLN B 172 9.09 9.42 6.85
C GLN B 172 9.69 10.53 5.94
N SER B 173 9.75 11.80 6.42
CA SER B 173 10.33 12.96 5.72
C SER B 173 11.84 12.78 5.51
N ASN B 174 12.57 12.23 6.52
CA ASN B 174 13.99 11.84 6.37
C ASN B 174 13.85 10.55 5.56
N ASN B 175 14.86 9.99 4.93
CA ASN B 175 14.34 8.87 4.11
C ASN B 175 14.22 7.51 4.83
N LYS B 176 13.92 7.58 6.13
CA LYS B 176 13.75 6.42 7.00
C LYS B 176 12.29 5.99 7.08
N TYR B 177 12.01 4.86 7.76
CA TYR B 177 10.67 4.28 7.88
C TYR B 177 10.16 4.22 9.31
N ALA B 178 8.83 4.23 9.43
CA ALA B 178 8.09 4.15 10.68
C ALA B 178 7.03 3.06 10.59
N ALA B 179 6.65 2.49 11.74
CA ALA B 179 5.61 1.49 11.82
C ALA B 179 5.10 1.52 13.23
N SER B 180 4.01 0.81 13.48
CA SER B 180 3.42 0.71 14.81
C SER B 180 2.64 -0.57 14.95
N SER B 181 2.52 -1.03 16.20
CA SER B 181 1.85 -2.25 16.58
C SER B 181 1.11 -1.98 17.87
N TYR B 182 -0.08 -2.57 17.96
CA TYR B 182 -1.03 -2.41 19.04
C TYR B 182 -1.44 -3.75 19.57
N LEU B 183 -1.46 -3.87 20.88
CA LEU B 183 -1.89 -5.08 21.54
C LEU B 183 -3.11 -4.73 22.39
N SER B 184 -4.27 -5.25 22.01
CA SER B 184 -5.53 -5.04 22.73
C SER B 184 -5.77 -6.17 23.68
N LEU B 185 -5.99 -5.85 24.96
CA LEU B 185 -6.21 -6.81 26.06
C LEU B 185 -7.35 -6.31 26.91
N THR B 186 -7.85 -7.14 27.80
CA THR B 186 -8.87 -6.70 28.76
C THR B 186 -8.09 -6.16 29.96
N PRO B 187 -8.61 -5.22 30.77
CA PRO B 187 -7.86 -4.79 31.98
C PRO B 187 -7.34 -5.93 32.85
N GLU B 188 -8.11 -7.03 32.97
CA GLU B 188 -7.73 -8.21 33.77
C GLU B 188 -6.53 -8.96 33.15
N GLN B 189 -6.54 -9.12 31.81
CA GLN B 189 -5.44 -9.76 31.08
C GLN B 189 -4.14 -8.97 31.28
N TRP B 190 -4.23 -7.62 31.24
CA TRP B 190 -3.13 -6.67 31.44
C TRP B 190 -2.54 -6.83 32.83
N LYS B 191 -3.41 -6.93 33.85
CA LYS B 191 -2.94 -7.04 35.24
C LYS B 191 -2.49 -8.45 35.65
N SER B 192 -2.88 -9.51 34.87
CA SER B 192 -2.60 -10.93 35.12
C SER B 192 -1.15 -11.37 34.78
N HIS B 193 -0.33 -10.48 34.24
CA HIS B 193 1.06 -10.80 33.93
C HIS B 193 1.94 -9.76 34.56
N ARG B 194 3.18 -10.16 34.80
CA ARG B 194 4.21 -9.33 35.41
C ARG B 194 4.78 -8.26 34.45
N SER B 195 4.82 -8.54 33.16
CA SER B 195 5.36 -7.63 32.15
C SER B 195 4.94 -8.06 30.78
N TYR B 196 4.89 -7.10 29.84
CA TYR B 196 4.57 -7.29 28.44
C TYR B 196 5.71 -6.72 27.64
N SER B 197 6.10 -7.39 26.55
CA SER B 197 7.19 -6.93 25.71
C SER B 197 6.80 -6.82 24.24
N CYS B 198 7.30 -5.80 23.60
CA CYS B 198 7.16 -5.57 22.18
C CYS B 198 8.54 -5.79 21.59
N GLN B 199 8.68 -6.75 20.66
CA GLN B 199 9.98 -7.10 20.09
C GLN B 199 10.00 -6.84 18.60
N VAL B 200 10.88 -5.95 18.19
CA VAL B 200 10.99 -5.53 16.79
C VAL B 200 12.30 -6.04 16.12
N THR B 201 12.16 -6.95 15.17
CA THR B 201 13.27 -7.56 14.42
C THR B 201 13.52 -6.77 13.13
N HIS B 202 14.75 -6.36 12.93
CA HIS B 202 15.16 -5.57 11.78
C HIS B 202 16.51 -6.06 11.31
N GLU B 203 16.56 -6.55 10.05
CA GLU B 203 17.79 -7.12 9.42
C GLU B 203 18.48 -8.11 10.37
N GLY B 204 17.68 -9.03 10.93
CA GLY B 204 18.15 -10.03 11.89
C GLY B 204 18.43 -9.57 13.32
N SER B 205 18.27 -8.27 13.67
CA SER B 205 18.52 -7.79 15.05
C SER B 205 17.24 -7.30 15.72
N THR B 206 17.01 -7.73 16.95
CA THR B 206 15.80 -7.41 17.67
C THR B 206 16.01 -6.30 18.67
N VAL B 207 15.13 -5.28 18.61
CA VAL B 207 15.05 -4.18 19.57
C VAL B 207 13.78 -4.48 20.39
N GLU B 208 13.94 -4.61 21.70
CA GLU B 208 12.89 -4.98 22.64
C GLU B 208 12.59 -3.86 23.67
N LYS B 209 11.32 -3.71 24.07
CA LYS B 209 10.87 -2.79 25.13
C LYS B 209 9.84 -3.49 25.98
N THR B 210 9.90 -3.26 27.31
CA THR B 210 9.01 -3.85 28.30
C THR B 210 8.25 -2.81 29.11
N VAL B 211 7.06 -3.18 29.52
CA VAL B 211 6.11 -2.38 30.28
C VAL B 211 5.43 -3.32 31.33
N ALA B 212 5.16 -2.80 32.53
CA ALA B 212 4.56 -3.60 33.61
C ALA B 212 3.31 -2.97 34.22
N PRO B 213 2.29 -3.77 34.64
CA PRO B 213 1.15 -3.21 35.38
C PRO B 213 1.51 -2.98 36.85
C ACT C . -10.03 -18.07 -20.19
O ACT C . -10.13 -17.25 -21.08
OXT ACT C . -9.42 -19.13 -20.32
CH3 ACT C . -10.66 -17.75 -18.81
AS CAC D . 13.00 11.04 14.55
O1 CAC D . 13.08 10.22 16.02
O2 CAC D . 12.37 10.40 13.16
C1 CAC D . 12.04 12.74 14.86
C2 CAC D . 14.77 11.78 14.12
#